data_1Y7R
#
_entry.id   1Y7R
#
_cell.length_a   38.168
_cell.length_b   44.171
_cell.length_c   71.408
_cell.angle_alpha   90.00
_cell.angle_beta   100.73
_cell.angle_gamma   90.00
#
_symmetry.space_group_name_H-M   'P 1 21 1'
#
loop_
_entity.id
_entity.type
_entity.pdbx_description
1 polymer 'hypothetical protein SA2161'
2 non-polymer 'PHOSPHATE ION'
3 water water
#
_entity_poly.entity_id   1
_entity_poly.type   'polypeptide(L)'
_entity_poly.pdbx_seq_one_letter_code
;(MSE)VKVTYDIPTCEDYCALRINAG(MSE)SPKTREAAEKGLPNALFTVTLYDKDRLIG(MSE)GRVIGDGGTVFQIVD
IAVLKSYQGQAYGSLI(MSE)EHI(MSE)KYIKNVSVESVYVSLIADYPADKLYVKFGF(MSE)PTEPDSGG(MSE)YIK
Y
;
_entity_poly.pdbx_strand_id   A,B
#
# COMPACT_ATOMS: atom_id res chain seq x y z
N VAL A 2 -13.97 -22.34 12.32
CA VAL A 2 -12.68 -21.72 12.44
C VAL A 2 -12.71 -20.67 13.56
N LYS A 3 -11.56 -20.44 14.18
CA LYS A 3 -11.38 -19.43 15.21
C LYS A 3 -10.80 -18.20 14.53
N VAL A 4 -11.33 -17.01 14.81
CA VAL A 4 -10.83 -15.78 14.21
C VAL A 4 -10.07 -15.00 15.25
N THR A 5 -8.89 -14.52 14.86
CA THR A 5 -8.01 -13.86 15.77
C THR A 5 -7.44 -12.62 15.08
N TYR A 6 -7.19 -11.54 15.81
CA TYR A 6 -6.40 -10.40 15.25
C TYR A 6 -4.95 -10.36 15.77
N ASP A 7 -4.45 -11.52 16.22
CA ASP A 7 -3.09 -11.63 16.83
C ASP A 7 -2.02 -11.54 15.76
N ILE A 8 -0.82 -11.14 16.16
CA ILE A 8 0.38 -11.23 15.30
C ILE A 8 0.66 -12.72 15.02
N PRO A 9 0.82 -13.10 13.73
CA PRO A 9 1.16 -14.49 13.37
C PRO A 9 2.62 -14.79 13.73
N THR A 10 2.99 -16.07 13.91
CA THR A 10 4.42 -16.37 14.00
C THR A 10 5.08 -16.28 12.63
N CYS A 11 6.41 -16.14 12.59
CA CYS A 11 7.11 -16.03 11.33
C CYS A 11 6.93 -17.32 10.56
N GLU A 12 7.06 -18.45 11.25
CA GLU A 12 6.88 -19.73 10.59
C GLU A 12 5.50 -19.86 9.98
N ASP A 13 4.44 -19.53 10.74
CA ASP A 13 3.05 -19.70 10.27
C ASP A 13 2.80 -18.80 9.05
N TYR A 14 3.29 -17.57 9.12
CA TYR A 14 3.17 -16.61 8.04
C TYR A 14 3.81 -17.12 6.77
N CYS A 15 5.09 -17.49 6.88
CA CYS A 15 5.83 -17.92 5.71
C CYS A 15 5.16 -19.18 5.14
N ALA A 16 4.76 -20.08 6.03
CA ALA A 16 4.13 -21.36 5.65
C ALA A 16 2.80 -21.15 4.96
N LEU A 17 2.05 -20.17 5.45
CA LEU A 17 0.77 -19.89 4.83
C LEU A 17 0.93 -19.33 3.43
N ARG A 18 1.84 -18.37 3.25
CA ARG A 18 2.19 -17.88 1.91
C ARG A 18 2.49 -19.02 0.94
N ILE A 19 3.41 -19.89 1.30
CA ILE A 19 3.80 -20.98 0.40
C ILE A 19 2.62 -21.91 0.07
N ASN A 20 1.88 -22.27 1.10
CA ASN A 20 0.79 -23.21 0.93
C ASN A 20 -0.48 -22.62 0.36
N ALA A 21 -0.50 -21.29 0.25
CA ALA A 21 -1.53 -20.59 -0.52
C ALA A 21 -1.12 -20.43 -1.99
N GLY A 22 0.06 -20.91 -2.37
CA GLY A 22 0.54 -20.81 -3.75
C GLY A 22 1.08 -19.44 -4.07
N SER A 24 4.29 -16.37 -3.65
CA SER A 24 5.74 -16.33 -3.57
C SER A 24 6.21 -16.29 -2.12
N PRO A 25 7.34 -16.93 -1.83
CA PRO A 25 7.74 -16.95 -0.42
C PRO A 25 8.30 -15.61 0.07
N LYS A 26 8.20 -15.41 1.39
CA LYS A 26 8.93 -14.32 2.04
C LYS A 26 9.98 -14.97 2.90
N THR A 27 11.15 -14.33 2.98
CA THR A 27 12.21 -14.86 3.85
C THR A 27 11.78 -14.66 5.28
N ARG A 28 12.29 -15.50 6.18
CA ARG A 28 12.00 -15.30 7.58
C ARG A 28 12.51 -13.95 8.10
N GLU A 29 13.63 -13.46 7.54
CA GLU A 29 14.11 -12.13 7.87
C GLU A 29 13.07 -11.05 7.52
N ALA A 30 12.47 -11.15 6.32
CA ALA A 30 11.48 -10.12 5.95
C ALA A 30 10.28 -10.21 6.88
N ALA A 31 9.84 -11.43 7.15
CA ALA A 31 8.69 -11.67 8.00
C ALA A 31 8.91 -11.11 9.41
N GLU A 32 10.11 -11.34 9.95
CA GLU A 32 10.45 -10.86 11.29
C GLU A 32 10.35 -9.34 11.34
N LYS A 33 10.89 -8.68 10.32
CA LYS A 33 10.85 -7.24 10.27
C LYS A 33 9.45 -6.68 10.00
N GLY A 34 8.62 -7.41 9.26
CA GLY A 34 7.35 -6.87 8.73
C GLY A 34 6.12 -7.18 9.59
N LEU A 35 6.09 -8.35 10.21
CA LEU A 35 4.85 -8.81 10.85
C LEU A 35 4.26 -7.90 11.94
N PRO A 36 5.11 -7.30 12.81
CA PRO A 36 4.56 -6.44 13.85
C PRO A 36 3.94 -5.12 13.40
N ASN A 37 4.14 -4.77 12.12
CA ASN A 37 3.96 -3.41 11.64
C ASN A 37 2.81 -3.20 10.69
N ALA A 38 1.91 -4.18 10.56
CA ALA A 38 0.66 -3.94 9.81
C ALA A 38 -0.28 -3.16 10.72
N LEU A 39 -1.14 -2.33 10.13
CA LEU A 39 -2.18 -1.67 10.94
C LEU A 39 -3.17 -2.69 11.53
N PHE A 40 -3.43 -3.75 10.77
CA PHE A 40 -4.43 -4.73 11.17
C PHE A 40 -4.09 -6.06 10.53
N THR A 41 -4.28 -7.15 11.29
CA THR A 41 -4.03 -8.51 10.80
C THR A 41 -5.15 -9.39 11.27
N VAL A 42 -5.73 -10.18 10.38
CA VAL A 42 -6.73 -11.20 10.77
C VAL A 42 -6.18 -12.57 10.40
N THR A 43 -6.35 -13.52 11.30
CA THR A 43 -5.91 -14.90 11.09
C THR A 43 -7.05 -15.85 11.45
N LEU A 44 -7.14 -16.92 10.67
CA LEU A 44 -8.16 -17.97 10.84
C LEU A 44 -7.47 -19.27 11.15
N TYR A 45 -7.98 -19.96 12.14
CA TYR A 45 -7.40 -21.24 12.57
C TYR A 45 -8.46 -22.35 12.56
N ASP A 46 -8.08 -23.51 12.05
CA ASP A 46 -8.91 -24.70 12.07
C ASP A 46 -8.22 -25.56 13.11
N LYS A 47 -8.87 -25.68 14.29
CA LYS A 47 -8.28 -26.29 15.48
C LYS A 47 -6.95 -25.55 15.75
N ASP A 48 -5.81 -26.22 15.67
CA ASP A 48 -4.54 -25.53 15.92
C ASP A 48 -3.73 -25.23 14.66
N ARG A 49 -4.38 -25.23 13.51
CA ARG A 49 -3.68 -24.95 12.25
C ARG A 49 -4.11 -23.62 11.67
N LEU A 50 -3.13 -22.81 11.29
CA LEU A 50 -3.45 -21.54 10.60
C LEU A 50 -3.88 -21.89 9.17
N ILE A 51 -5.07 -21.44 8.77
CA ILE A 51 -5.53 -21.71 7.42
C ILE A 51 -5.70 -20.46 6.52
N GLY A 52 -5.66 -19.27 7.13
CA GLY A 52 -5.90 -18.05 6.35
C GLY A 52 -5.50 -16.80 7.10
N GLY A 54 -5.12 -12.14 6.41
CA GLY A 54 -5.07 -10.93 5.58
C GLY A 54 -4.48 -9.80 6.42
N ARG A 55 -3.86 -8.83 5.75
CA ARG A 55 -3.19 -7.73 6.47
C ARG A 55 -3.54 -6.41 5.79
N VAL A 56 -3.43 -5.33 6.56
CA VAL A 56 -3.64 -3.96 6.07
C VAL A 56 -2.44 -3.08 6.48
N ILE A 57 -1.92 -2.33 5.50
CA ILE A 57 -0.96 -1.26 5.73
C ILE A 57 -1.65 0.06 5.35
N GLY A 58 -1.10 1.18 5.81
CA GLY A 58 -1.76 2.44 5.46
C GLY A 58 -1.27 3.59 6.34
N ASP A 59 -1.91 4.75 6.19
CA ASP A 59 -1.56 5.92 7.02
C ASP A 59 -2.69 6.32 8.01
N GLY A 60 -3.73 5.51 8.06
CA GLY A 60 -4.84 5.69 8.98
C GLY A 60 -5.88 6.70 8.55
N GLY A 61 -5.73 7.28 7.35
CA GLY A 61 -6.70 8.31 6.92
C GLY A 61 -6.89 8.47 5.43
N THR A 62 -5.78 8.53 4.70
CA THR A 62 -5.84 8.96 3.35
C THR A 62 -5.74 7.74 2.43
N VAL A 63 -4.99 6.74 2.89
CA VAL A 63 -4.69 5.60 2.03
C VAL A 63 -4.46 4.33 2.84
N PHE A 64 -5.00 3.21 2.34
CA PHE A 64 -4.67 1.86 2.85
C PHE A 64 -4.40 0.91 1.67
N GLN A 65 -3.61 -0.12 1.95
CA GLN A 65 -3.44 -1.21 0.99
C GLN A 65 -3.70 -2.51 1.73
N ILE A 66 -4.53 -3.35 1.14
CA ILE A 66 -4.79 -4.69 1.64
C ILE A 66 -3.76 -5.60 0.99
N VAL A 67 -3.09 -6.41 1.82
CA VAL A 67 -1.96 -7.23 1.36
C VAL A 67 -2.02 -8.60 2.01
N ASP A 68 -1.32 -9.58 1.45
CA ASP A 68 -1.17 -10.90 2.10
C ASP A 68 -2.49 -11.60 2.35
N ILE A 69 -3.42 -11.52 1.38
CA ILE A 69 -4.66 -12.33 1.50
C ILE A 69 -4.29 -13.74 1.10
N ALA A 70 -4.13 -14.61 2.09
CA ALA A 70 -3.56 -15.94 1.85
C ALA A 70 -4.48 -16.95 2.50
N VAL A 71 -4.99 -17.89 1.72
CA VAL A 71 -5.79 -18.99 2.27
C VAL A 71 -5.15 -20.27 1.75
N LEU A 72 -4.93 -21.27 2.61
CA LEU A 72 -4.39 -22.56 2.15
C LEU A 72 -5.10 -23.06 0.91
N LYS A 73 -4.31 -23.56 -0.05
CA LYS A 73 -4.89 -24.12 -1.26
C LYS A 73 -6.00 -25.13 -0.91
N SER A 74 -5.76 -25.97 0.09
CA SER A 74 -6.71 -27.02 0.46
C SER A 74 -8.00 -26.47 1.10
N TYR A 75 -7.96 -25.21 1.55
CA TYR A 75 -9.13 -24.53 2.12
C TYR A 75 -9.77 -23.48 1.20
N GLN A 76 -9.24 -23.34 -0.03
CA GLN A 76 -9.74 -22.31 -0.93
C GLN A 76 -11.08 -22.74 -1.53
N GLY A 77 -11.83 -21.77 -2.04
CA GLY A 77 -13.07 -22.07 -2.78
C GLY A 77 -14.26 -22.35 -1.89
N GLN A 78 -14.23 -21.89 -0.64
CA GLN A 78 -15.38 -22.14 0.25
C GLN A 78 -15.70 -21.08 1.31
N ALA A 79 -15.30 -19.83 1.04
CA ALA A 79 -15.67 -18.66 1.86
C ALA A 79 -14.64 -18.13 2.82
N TYR A 80 -13.48 -18.80 2.94
CA TYR A 80 -12.52 -18.27 3.92
C TYR A 80 -11.87 -16.95 3.50
N GLY A 81 -11.62 -16.79 2.19
CA GLY A 81 -11.14 -15.49 1.67
C GLY A 81 -12.18 -14.42 2.01
N SER A 82 -13.45 -14.75 1.86
CA SER A 82 -14.52 -13.79 2.13
C SER A 82 -14.56 -13.48 3.61
N LEU A 83 -14.35 -14.49 4.46
CA LEU A 83 -14.30 -14.25 5.90
C LEU A 83 -13.19 -13.26 6.31
N ILE A 84 -12.00 -13.49 5.76
CA ILE A 84 -10.87 -12.56 5.93
C ILE A 84 -11.25 -11.13 5.50
N GLU A 86 -14.24 -9.78 5.15
CA GLU A 86 -15.25 -9.20 6.02
C GLU A 86 -14.60 -8.54 7.23
N HIS A 87 -13.62 -9.22 7.82
CA HIS A 87 -12.93 -8.63 9.00
C HIS A 87 -12.05 -7.43 8.63
N ILE A 88 -11.39 -7.53 7.48
CA ILE A 88 -10.62 -6.38 6.96
C ILE A 88 -11.51 -5.18 6.68
N LYS A 90 -14.45 -4.50 7.95
CA LYS A 90 -14.80 -3.98 9.29
C LYS A 90 -13.76 -3.04 9.92
N TYR A 91 -12.49 -3.44 9.89
CA TYR A 91 -11.39 -2.58 10.36
C TYR A 91 -11.37 -1.26 9.59
N ILE A 92 -11.40 -1.35 8.27
CA ILE A 92 -11.27 -0.12 7.44
C ILE A 92 -12.48 0.80 7.64
N LYS A 93 -13.67 0.22 7.76
CA LYS A 93 -14.90 1.02 7.99
C LYS A 93 -14.79 1.86 9.26
N ASN A 94 -14.13 1.34 10.28
CA ASN A 94 -14.07 2.05 11.55
C ASN A 94 -13.00 3.16 11.56
N VAL A 95 -12.14 3.18 10.55
CA VAL A 95 -11.07 4.20 10.44
C VAL A 95 -11.19 5.14 9.21
N SER A 96 -11.91 4.69 8.19
CA SER A 96 -12.05 5.41 6.93
C SER A 96 -12.98 6.63 7.06
N VAL A 97 -12.73 7.66 6.25
CA VAL A 97 -13.58 8.84 6.15
C VAL A 97 -13.85 9.12 4.66
N GLU A 98 -14.74 10.07 4.37
CA GLU A 98 -14.92 10.52 2.99
C GLU A 98 -13.54 10.82 2.39
N SER A 99 -13.29 10.24 1.21
CA SER A 99 -12.06 10.41 0.38
C SER A 99 -10.94 9.41 0.68
N VAL A 100 -11.10 8.60 1.73
CA VAL A 100 -10.10 7.53 1.96
C VAL A 100 -10.07 6.60 0.75
N TYR A 101 -8.87 6.22 0.34
CA TYR A 101 -8.63 5.34 -0.79
C TYR A 101 -8.09 4.02 -0.29
N VAL A 102 -8.63 2.90 -0.79
CA VAL A 102 -8.05 1.61 -0.42
C VAL A 102 -7.76 0.86 -1.69
N SER A 103 -6.58 0.26 -1.79
CA SER A 103 -6.27 -0.49 -3.01
C SER A 103 -5.67 -1.85 -2.70
N LEU A 104 -5.62 -2.67 -3.74
CA LEU A 104 -4.93 -3.95 -3.65
C LEU A 104 -4.47 -4.38 -5.03
N ILE A 105 -3.64 -5.44 -5.06
CA ILE A 105 -3.16 -6.01 -6.33
C ILE A 105 -3.72 -7.42 -6.43
N ALA A 106 -4.46 -7.69 -7.50
CA ALA A 106 -5.13 -8.97 -7.63
C ALA A 106 -4.80 -9.65 -8.94
N ASP A 107 -4.47 -10.93 -8.91
CA ASP A 107 -4.47 -11.71 -10.16
C ASP A 107 -5.89 -12.18 -10.52
N TYR A 108 -5.98 -12.94 -11.60
CA TYR A 108 -7.24 -13.55 -12.02
C TYR A 108 -7.58 -14.78 -11.18
N PRO A 109 -8.78 -15.33 -11.31
CA PRO A 109 -9.76 -15.55 -10.28
C PRO A 109 -9.76 -14.69 -8.99
N ALA A 110 -8.61 -14.29 -8.44
CA ALA A 110 -8.63 -13.53 -7.17
C ALA A 110 -9.49 -12.29 -7.27
N ASP A 111 -9.48 -11.64 -8.43
CA ASP A 111 -10.31 -10.43 -8.61
C ASP A 111 -11.80 -10.71 -8.31
N LYS A 112 -12.24 -11.95 -8.54
CA LYS A 112 -13.62 -12.32 -8.25
C LYS A 112 -14.00 -12.19 -6.77
N LEU A 113 -13.05 -12.46 -5.89
CA LEU A 113 -13.25 -12.27 -4.46
C LEU A 113 -13.40 -10.78 -4.11
N TYR A 114 -12.50 -9.95 -4.62
CA TYR A 114 -12.51 -8.53 -4.17
C TYR A 114 -13.69 -7.79 -4.73
N VAL A 115 -14.19 -8.23 -5.89
CA VAL A 115 -15.38 -7.62 -6.49
C VAL A 115 -16.60 -7.70 -5.53
N LYS A 116 -16.67 -8.80 -4.77
CA LYS A 116 -17.74 -8.98 -3.76
C LYS A 116 -17.80 -7.88 -2.70
N PHE A 117 -16.67 -7.20 -2.51
CA PHE A 117 -16.52 -6.18 -1.46
C PHE A 117 -16.48 -4.77 -2.02
N GLY A 118 -16.75 -4.65 -3.32
CA GLY A 118 -16.96 -3.36 -3.96
C GLY A 118 -15.75 -2.84 -4.71
N PHE A 119 -14.67 -3.61 -4.71
CA PHE A 119 -13.44 -3.20 -5.43
C PHE A 119 -13.66 -3.21 -6.94
N PRO A 121 -11.51 -2.34 -10.90
CA PRO A 121 -10.20 -2.19 -11.49
C PRO A 121 -9.71 -0.75 -11.53
N THR A 122 -8.41 -0.57 -11.30
CA THR A 122 -7.78 0.72 -11.55
C THR A 122 -7.62 0.95 -13.07
N GLU A 123 -7.35 -0.12 -13.80
CA GLU A 123 -7.18 -0.09 -15.25
C GLU A 123 -8.49 0.32 -15.96
N PRO A 124 -8.38 0.99 -17.13
CA PRO A 124 -7.12 1.28 -17.81
C PRO A 124 -6.38 2.56 -17.40
N ASP A 125 -7.06 3.49 -16.70
CA ASP A 125 -6.43 4.80 -16.41
C ASP A 125 -5.24 4.73 -15.47
N SER A 126 -5.27 3.76 -14.57
CA SER A 126 -4.18 3.65 -13.58
C SER A 126 -3.81 2.22 -13.41
N GLY A 127 -2.57 1.99 -13.07
CA GLY A 127 -2.08 0.61 -13.01
C GLY A 127 -1.08 0.37 -11.88
N GLY A 128 -1.08 -0.85 -11.34
CA GLY A 128 -0.03 -1.27 -10.42
C GLY A 128 1.32 -1.33 -11.13
N TYR A 130 5.53 -2.43 -9.79
CA TYR A 130 6.24 -2.95 -8.61
C TYR A 130 7.74 -3.15 -8.84
N ILE A 131 8.48 -3.25 -7.72
CA ILE A 131 9.81 -3.83 -7.70
C ILE A 131 9.80 -4.91 -6.62
N LYS A 132 10.56 -5.97 -6.87
CA LYS A 132 10.71 -7.03 -5.89
C LYS A 132 12.20 -7.26 -5.63
N TYR A 133 12.58 -7.22 -4.35
CA TYR A 133 13.97 -7.40 -3.96
C TYR A 133 14.34 -8.84 -3.64
N VAL B 2 15.11 24.86 -5.31
CA VAL B 2 14.17 24.07 -4.54
C VAL B 2 14.96 23.39 -3.43
N LYS B 3 14.34 23.32 -2.25
CA LYS B 3 14.91 22.63 -1.11
C LYS B 3 14.19 21.32 -0.78
N VAL B 4 14.96 20.25 -0.55
CA VAL B 4 14.43 18.96 -0.09
C VAL B 4 14.33 18.94 1.43
N THR B 5 13.15 18.59 1.95
CA THR B 5 13.00 18.37 3.41
C THR B 5 12.30 17.04 3.67
N TYR B 6 12.43 16.51 4.88
CA TYR B 6 11.61 15.33 5.27
C TYR B 6 10.42 15.73 6.18
N ASP B 7 10.03 17.01 6.08
CA ASP B 7 8.95 17.60 6.89
C ASP B 7 7.61 17.14 6.37
N ILE B 8 6.65 16.97 7.26
CA ILE B 8 5.27 16.68 6.87
C ILE B 8 4.60 18.02 6.50
N PRO B 9 3.87 18.04 5.38
CA PRO B 9 3.27 19.32 4.93
C PRO B 9 2.04 19.66 5.77
N THR B 10 1.54 20.88 5.67
CA THR B 10 0.24 21.18 6.27
C THR B 10 -0.88 20.49 5.52
N CYS B 11 -2.05 20.37 6.15
CA CYS B 11 -3.18 19.70 5.50
C CYS B 11 -3.64 20.46 4.27
N GLU B 12 -3.70 21.78 4.40
CA GLU B 12 -4.09 22.67 3.30
C GLU B 12 -3.15 22.49 2.12
N ASP B 13 -1.83 22.49 2.38
CA ASP B 13 -0.86 22.38 1.28
C ASP B 13 -0.95 21.00 0.62
N TYR B 14 -1.02 19.96 1.45
CA TYR B 14 -1.17 18.58 0.94
C TYR B 14 -2.38 18.48 0.02
N CYS B 15 -3.53 18.94 0.49
CA CYS B 15 -4.77 18.82 -0.29
C CYS B 15 -4.69 19.58 -1.62
N ALA B 16 -4.18 20.81 -1.56
CA ALA B 16 -4.04 21.67 -2.71
C ALA B 16 -3.03 21.12 -3.70
N LEU B 17 -1.97 20.52 -3.18
CA LEU B 17 -0.95 19.95 -4.08
C LEU B 17 -1.50 18.79 -4.90
N ARG B 18 -2.27 17.91 -4.25
CA ARG B 18 -2.93 16.80 -4.98
C ARG B 18 -3.79 17.34 -6.12
N ILE B 19 -4.63 18.33 -5.84
CA ILE B 19 -5.44 18.93 -6.88
C ILE B 19 -4.58 19.52 -8.01
N ASN B 20 -3.52 20.19 -7.63
CA ASN B 20 -2.69 20.84 -8.62
C ASN B 20 -2.04 19.81 -9.57
N ALA B 21 -1.74 18.65 -9.02
CA ALA B 21 -1.15 17.54 -9.75
C ALA B 21 -2.21 16.65 -10.47
N GLY B 22 -3.47 17.09 -10.45
CA GLY B 22 -4.57 16.35 -11.07
C GLY B 22 -4.91 15.02 -10.43
N SER B 24 -6.82 12.59 -7.39
CA SER B 24 -8.09 12.57 -6.67
C SER B 24 -7.97 13.40 -5.38
N PRO B 25 -9.02 14.16 -5.05
CA PRO B 25 -9.00 14.98 -3.85
C PRO B 25 -8.99 14.19 -2.54
N LYS B 26 -8.47 14.83 -1.49
CA LYS B 26 -8.60 14.33 -0.11
C LYS B 26 -9.18 15.45 0.74
N THR B 27 -10.02 15.06 1.70
CA THR B 27 -10.61 16.02 2.65
C THR B 27 -9.56 16.46 3.66
N ARG B 28 -9.76 17.62 4.32
CA ARG B 28 -8.86 17.99 5.41
C ARG B 28 -8.92 16.93 6.51
N GLU B 29 -10.10 16.38 6.74
CA GLU B 29 -10.20 15.33 7.77
C GLU B 29 -9.33 14.11 7.43
N ALA B 30 -9.38 13.65 6.18
CA ALA B 30 -8.57 12.51 5.79
C ALA B 30 -7.08 12.87 5.99
N ALA B 31 -6.71 14.11 5.64
CA ALA B 31 -5.33 14.55 5.73
C ALA B 31 -4.87 14.62 7.17
N GLU B 32 -5.72 15.17 8.04
CA GLU B 32 -5.44 15.27 9.49
C GLU B 32 -5.14 13.90 10.07
N LYS B 33 -5.91 12.89 9.63
CA LYS B 33 -5.77 11.52 10.12
C LYS B 33 -4.56 10.79 9.58
N GLY B 34 -4.19 11.09 8.33
CA GLY B 34 -3.14 10.33 7.59
C GLY B 34 -1.74 10.90 7.61
N LEU B 35 -1.66 12.23 7.56
CA LEU B 35 -0.34 12.87 7.42
C LEU B 35 0.70 12.45 8.46
N PRO B 36 0.30 12.36 9.74
CA PRO B 36 1.33 12.00 10.75
C PRO B 36 1.82 10.55 10.69
N ASN B 37 1.16 9.70 9.89
CA ASN B 37 1.34 8.23 9.98
C ASN B 37 1.96 7.50 8.78
N ALA B 38 2.71 8.21 7.95
CA ALA B 38 3.52 7.60 6.89
C ALA B 38 4.83 7.09 7.49
N LEU B 39 5.42 6.08 6.85
CA LEU B 39 6.77 5.67 7.25
C LEU B 39 7.82 6.70 6.90
N PHE B 40 7.60 7.40 5.78
CA PHE B 40 8.60 8.36 5.33
C PHE B 40 7.91 9.37 4.44
N THR B 41 8.32 10.63 4.56
CA THR B 41 7.72 11.73 3.80
C THR B 41 8.86 12.58 3.23
N VAL B 42 8.75 12.97 1.97
CA VAL B 42 9.69 13.95 1.43
C VAL B 42 8.87 15.12 0.85
N THR B 43 9.26 16.33 1.19
CA THR B 43 8.58 17.49 0.67
C THR B 43 9.59 18.46 0.06
N LEU B 44 9.23 19.02 -1.08
CA LEU B 44 10.07 19.99 -1.78
C LEU B 44 9.47 21.38 -1.65
N TYR B 45 10.29 22.35 -1.27
CA TYR B 45 9.81 23.73 -1.12
C TYR B 45 10.58 24.68 -2.02
N ASP B 46 9.88 25.64 -2.61
CA ASP B 46 10.54 26.73 -3.32
C ASP B 46 10.22 27.94 -2.43
N LYS B 47 11.23 28.41 -1.70
CA LYS B 47 11.05 29.32 -0.56
C LYS B 47 10.10 28.68 0.46
N ASP B 48 8.93 29.28 0.69
CA ASP B 48 8.01 28.65 1.63
C ASP B 48 6.88 27.89 0.95
N ARG B 49 6.91 27.80 -0.38
CA ARG B 49 5.82 27.14 -1.12
C ARG B 49 6.10 25.66 -1.33
N LEU B 50 5.13 24.80 -0.98
CA LEU B 50 5.26 23.38 -1.26
C LEU B 50 5.07 23.18 -2.73
N ILE B 51 6.08 22.60 -3.37
CA ILE B 51 5.98 22.35 -4.83
C ILE B 51 5.94 20.86 -5.18
N GLY B 52 6.30 19.99 -4.25
CA GLY B 52 6.25 18.56 -4.56
C GLY B 52 6.34 17.72 -3.30
N GLY B 54 6.22 13.27 -1.70
CA GLY B 54 6.12 11.82 -1.87
C GLY B 54 6.04 11.19 -0.50
N ARG B 55 5.34 10.05 -0.40
CA ARG B 55 5.19 9.35 0.89
C ARG B 55 5.30 7.85 0.69
N VAL B 56 5.59 7.18 1.81
CA VAL B 56 5.65 5.71 1.88
C VAL B 56 4.84 5.17 3.04
N ILE B 57 4.03 4.13 2.75
CA ILE B 57 3.41 3.32 3.79
C ILE B 57 3.97 1.91 3.68
N GLY B 58 3.79 1.09 4.71
CA GLY B 58 4.30 -0.28 4.60
C GLY B 58 4.42 -0.92 5.95
N ASP B 59 5.04 -2.10 5.97
CA ASP B 59 5.27 -2.78 7.26
C ASP B 59 6.75 -2.91 7.66
N GLY B 60 7.62 -2.23 6.93
CA GLY B 60 9.03 -2.16 7.26
C GLY B 60 9.82 -3.43 6.97
N GLY B 61 9.23 -4.39 6.28
CA GLY B 61 9.95 -5.63 6.03
C GLY B 61 9.52 -6.39 4.80
N THR B 62 8.21 -6.56 4.68
CA THR B 62 7.68 -7.48 3.74
C THR B 62 7.06 -6.69 2.56
N VAL B 63 6.55 -5.49 2.82
CA VAL B 63 5.79 -4.74 1.80
C VAL B 63 5.79 -3.24 2.05
N PHE B 64 5.94 -2.47 0.97
CA PHE B 64 5.78 -1.00 0.99
C PHE B 64 4.92 -0.60 -0.17
N GLN B 65 4.20 0.53 -0.02
CA GLN B 65 3.56 1.19 -1.15
C GLN B 65 4.01 2.63 -1.17
N ILE B 66 4.40 3.08 -2.35
CA ILE B 66 4.73 4.50 -2.52
C ILE B 66 3.45 5.23 -2.90
N VAL B 67 3.18 6.34 -2.22
CA VAL B 67 1.93 7.07 -2.42
C VAL B 67 2.14 8.58 -2.48
N ASP B 68 1.15 9.29 -3.04
CA ASP B 68 1.16 10.77 -3.00
C ASP B 68 2.37 11.41 -3.67
N ILE B 69 2.88 10.81 -4.74
CA ILE B 69 3.95 11.47 -5.54
C ILE B 69 3.27 12.57 -6.35
N ALA B 70 3.52 13.81 -5.96
CA ALA B 70 2.77 14.94 -6.54
C ALA B 70 3.71 16.12 -6.73
N VAL B 71 3.63 16.72 -7.91
CA VAL B 71 4.44 17.89 -8.25
C VAL B 71 3.48 18.92 -8.87
N LEU B 72 3.60 20.18 -8.49
CA LEU B 72 2.81 21.26 -9.12
C LEU B 72 2.97 21.24 -10.62
N LYS B 73 1.89 21.51 -11.32
CA LYS B 73 1.90 21.46 -12.78
C LYS B 73 3.08 22.26 -13.38
N SER B 74 3.31 23.49 -12.88
CA SER B 74 4.33 24.36 -13.48
C SER B 74 5.74 23.85 -13.23
N TYR B 75 5.87 22.87 -12.31
CA TYR B 75 7.17 22.32 -11.95
C TYR B 75 7.41 20.93 -12.55
N GLN B 76 6.45 20.41 -13.30
CA GLN B 76 6.54 19.09 -13.89
C GLN B 76 7.50 19.03 -15.06
N GLY B 77 8.11 17.85 -15.24
CA GLY B 77 8.97 17.60 -16.38
C GLY B 77 10.32 18.30 -16.27
N GLN B 78 10.76 18.51 -15.03
CA GLN B 78 11.99 19.26 -14.81
C GLN B 78 12.94 18.54 -13.87
N ALA B 79 12.61 17.29 -13.54
CA ALA B 79 13.46 16.46 -12.64
C ALA B 79 13.02 16.42 -11.17
N TYR B 80 11.98 17.16 -10.81
CA TYR B 80 11.56 17.18 -9.37
C TYR B 80 10.91 15.86 -8.92
N GLY B 81 10.12 15.25 -9.80
CA GLY B 81 9.61 13.91 -9.49
C GLY B 81 10.74 12.92 -9.24
N SER B 82 11.81 13.00 -10.05
CA SER B 82 12.99 12.12 -9.86
C SER B 82 13.73 12.46 -8.57
N LEU B 83 13.76 13.74 -8.19
CA LEU B 83 14.37 14.10 -6.91
C LEU B 83 13.62 13.45 -5.73
N ILE B 84 12.28 13.52 -5.78
CA ILE B 84 11.42 12.90 -4.77
C ILE B 84 11.68 11.41 -4.70
N GLU B 86 14.20 9.66 -5.82
CA GLU B 86 15.56 9.35 -5.35
C GLU B 86 15.59 9.21 -3.83
N HIS B 87 14.97 10.13 -3.12
CA HIS B 87 14.96 10.06 -1.67
C HIS B 87 14.09 8.94 -1.14
N ILE B 88 12.97 8.72 -1.82
CA ILE B 88 12.07 7.64 -1.41
C ILE B 88 12.79 6.32 -1.57
N LYS B 90 16.04 5.82 -1.63
CA LYS B 90 17.09 5.74 -0.59
C LYS B 90 16.48 5.19 0.71
N TYR B 91 15.30 5.68 1.09
CA TYR B 91 14.67 5.19 2.32
C TYR B 91 14.36 3.68 2.23
N ILE B 92 13.70 3.30 1.15
CA ILE B 92 13.26 1.91 0.96
C ILE B 92 14.46 0.99 0.88
N LYS B 93 15.49 1.41 0.15
CA LYS B 93 16.70 0.58 0.08
C LYS B 93 17.36 0.39 1.44
N ASN B 94 17.22 1.36 2.36
CA ASN B 94 17.83 1.16 3.67
C ASN B 94 17.11 0.17 4.56
N VAL B 95 15.84 -0.08 4.25
CA VAL B 95 15.02 -1.00 5.05
C VAL B 95 14.74 -2.33 4.36
N SER B 96 14.66 -2.33 3.03
CA SER B 96 14.28 -3.55 2.31
C SER B 96 15.31 -4.66 2.42
N VAL B 97 14.83 -5.89 2.33
CA VAL B 97 15.65 -7.09 2.32
C VAL B 97 15.20 -8.00 1.17
N GLU B 98 15.87 -9.12 0.96
CA GLU B 98 15.44 -10.06 -0.08
C GLU B 98 14.00 -10.48 0.22
N SER B 99 13.16 -10.43 -0.83
CA SER B 99 11.74 -10.79 -0.82
C SER B 99 10.82 -9.60 -0.54
N VAL B 100 11.37 -8.47 -0.08
CA VAL B 100 10.54 -7.26 0.08
C VAL B 100 9.87 -6.86 -1.24
N TYR B 101 8.59 -6.51 -1.17
CA TYR B 101 7.86 -6.08 -2.35
C TYR B 101 7.52 -4.60 -2.17
N VAL B 102 7.69 -3.82 -3.24
CA VAL B 102 7.30 -2.40 -3.22
C VAL B 102 6.40 -2.16 -4.43
N SER B 103 5.26 -1.52 -4.24
CA SER B 103 4.41 -1.25 -5.38
C SER B 103 3.85 0.14 -5.29
N LEU B 104 3.13 0.54 -6.34
CA LEU B 104 2.45 1.82 -6.34
C LEU B 104 1.32 1.72 -7.34
N ILE B 105 0.39 2.69 -7.29
CA ILE B 105 -0.62 2.83 -8.31
C ILE B 105 -0.26 4.08 -9.09
N ALA B 106 0.00 3.89 -10.39
CA ALA B 106 0.41 4.97 -11.32
C ALA B 106 -0.68 5.34 -12.33
N ASP B 107 -1.04 6.62 -12.41
CA ASP B 107 -1.82 7.11 -13.55
C ASP B 107 -0.94 6.95 -14.79
N TYR B 108 -1.54 6.68 -15.94
CA TYR B 108 -0.69 6.33 -17.12
C TYR B 108 0.43 7.35 -17.46
N PRO B 109 0.19 8.66 -17.29
CA PRO B 109 1.27 9.59 -17.63
C PRO B 109 2.48 9.48 -16.69
N ALA B 110 2.27 8.95 -15.47
CA ALA B 110 3.33 8.77 -14.48
C ALA B 110 4.23 7.55 -14.72
N ASP B 111 3.85 6.67 -15.65
CA ASP B 111 4.62 5.44 -15.84
C ASP B 111 6.06 5.77 -16.15
N LYS B 112 6.29 6.78 -16.99
CA LYS B 112 7.67 7.18 -17.38
C LYS B 112 8.58 7.45 -16.16
N LEU B 113 8.04 8.15 -15.16
CA LEU B 113 8.86 8.49 -13.99
C LEU B 113 9.26 7.23 -13.26
N TYR B 114 8.26 6.39 -13.01
CA TYR B 114 8.51 5.21 -12.18
C TYR B 114 9.39 4.20 -12.89
N VAL B 115 9.27 4.12 -14.22
CA VAL B 115 10.15 3.27 -15.03
C VAL B 115 11.62 3.64 -14.82
N LYS B 116 11.91 4.93 -14.69
CA LYS B 116 13.30 5.35 -14.45
C LYS B 116 13.89 4.65 -13.20
N PHE B 117 13.03 4.30 -12.25
CA PHE B 117 13.46 3.73 -10.97
C PHE B 117 13.35 2.23 -10.87
N GLY B 118 13.04 1.61 -12.00
CA GLY B 118 13.08 0.15 -12.15
C GLY B 118 11.74 -0.52 -11.93
N PHE B 119 10.69 0.29 -11.73
CA PHE B 119 9.33 -0.26 -11.57
C PHE B 119 8.82 -0.82 -12.88
N PRO B 121 5.12 -2.72 -14.70
CA PRO B 121 3.71 -2.96 -14.45
C PRO B 121 3.43 -4.32 -13.83
N THR B 122 2.41 -4.38 -13.00
CA THR B 122 1.95 -5.67 -12.47
C THR B 122 1.19 -6.47 -13.54
N GLU B 123 0.51 -5.76 -14.45
CA GLU B 123 -0.20 -6.41 -15.57
C GLU B 123 0.79 -7.03 -16.55
N PRO B 124 0.38 -8.12 -17.25
CA PRO B 124 -0.93 -8.75 -17.20
C PRO B 124 -1.21 -9.72 -16.05
N ASP B 125 -0.19 -10.14 -15.31
CA ASP B 125 -0.38 -11.17 -14.27
C ASP B 125 -1.34 -10.73 -13.16
N SER B 126 -1.28 -9.47 -12.79
CA SER B 126 -2.14 -8.99 -11.72
C SER B 126 -2.44 -7.51 -11.95
N GLY B 127 -3.54 -7.04 -11.38
CA GLY B 127 -4.01 -5.67 -11.61
C GLY B 127 -4.42 -4.97 -10.33
N GLY B 128 -4.29 -3.65 -10.33
CA GLY B 128 -4.79 -2.82 -9.24
C GLY B 128 -6.31 -2.88 -9.18
N TYR B 130 -9.49 -0.99 -6.54
CA TYR B 130 -9.62 0.03 -5.50
C TYR B 130 -11.05 0.28 -5.09
N ILE B 131 -11.18 0.97 -3.96
CA ILE B 131 -12.44 1.64 -3.54
C ILE B 131 -12.10 3.01 -2.98
N LYS B 132 -13.05 3.95 -3.06
CA LYS B 132 -12.95 5.25 -2.39
C LYS B 132 -14.16 5.42 -1.50
N TYR B 133 -13.95 5.88 -0.27
CA TYR B 133 -15.03 6.14 0.68
C TYR B 133 -15.57 7.56 0.52
#